data_3IOX
#
_entry.id   3IOX
#
_cell.length_a   70.725
_cell.length_b   153.057
_cell.length_c   49.677
_cell.angle_alpha   90.00
_cell.angle_beta   90.00
_cell.angle_gamma   90.00
#
_symmetry.space_group_name_H-M   'P 21 21 2'
#
loop_
_entity.id
_entity.type
_entity.pdbx_description
1 polymer AgI/II
2 non-polymer 'phenylmethanesulfonic acid'
3 non-polymer 'SULFITE ION'
4 non-polymer 'CALCIUM ION'
5 water water
#
_entity_poly.entity_id   1
_entity_poly.type   'polypeptide(L)'
_entity_poly.pdbx_seq_one_letter_code
;AANEADYQAKLTAYQTELARVQKANADAKAAYEAAVAANNAANAALTAENTAIKKRNADAKADYEAKLAKYQADLAKYQK
DLADYPVKLKAYEDEQTSIKAALAELEKHKNEDGNLTEPSAQNLVYDLEPNANLSLTTDGKFLKASAVDDAFSKSTSKAK
YDQKILQLDDLDITNLEQSNDVASSMELYGNFGDKAGWSTTVSNNSQVKWGSVLLERGQSATATYTNLQNSYYNGKKISK
IVYKYTVDPKSKFQGQKVWLGIFTDPTLGVFASAYTGQVEKNTSIFIKNEFTFYDEDGKPINFDNALLSVASLNREHNSI
EMAKDYSGKFVKISGSSIGEKNGMIYATDTLNFKQGEGGSRWTMYKNSQAGSGWDSSDAPNSWYGAGAIKMSGPNNYVTV
GATSATNVMPVSDMPVVPGKDNTDGKKPNIWYSLNGKIRAVNVPKVTKEKPTPPVKPTAPTKPTYETEKPLKPAPVAPNY
EKEPTPPTRLEHHHHHH
;
_entity_poly.pdbx_strand_id   A
#
loop_
_chem_comp.id
_chem_comp.type
_chem_comp.name
_chem_comp.formula
CA non-polymer 'CALCIUM ION' 'Ca 2'
PMS non-polymer 'phenylmethanesulfonic acid' 'C7 H8 O3 S'
SO3 non-polymer 'SULFITE ION' 'O3 S -2'
#
# COMPACT_ATOMS: atom_id res chain seq x y z
N ALA A 1 56.99 105.88 27.86
CA ALA A 1 57.65 104.56 28.03
C ALA A 1 56.83 103.66 28.94
N ALA A 2 56.31 104.24 30.01
CA ALA A 2 55.49 103.50 30.97
C ALA A 2 54.20 103.04 30.29
N ASN A 3 53.66 103.90 29.43
CA ASN A 3 52.42 103.59 28.73
C ASN A 3 52.68 102.50 27.71
N GLU A 4 53.83 102.60 27.03
CA GLU A 4 54.20 101.62 26.02
C GLU A 4 54.40 100.25 26.65
N ALA A 5 55.10 100.22 27.79
CA ALA A 5 55.35 98.97 28.49
C ALA A 5 54.02 98.39 28.97
N ASP A 6 53.13 99.26 29.42
CA ASP A 6 51.82 98.83 29.89
C ASP A 6 51.03 98.25 28.72
N TYR A 7 51.14 98.89 27.57
CA TYR A 7 50.42 98.44 26.38
C TYR A 7 50.91 97.07 25.92
N GLN A 8 52.22 96.87 25.87
CA GLN A 8 52.77 95.60 25.44
C GLN A 8 52.36 94.48 26.40
N ALA A 9 52.23 94.83 27.68
CA ALA A 9 51.84 93.84 28.68
C ALA A 9 50.43 93.36 28.37
N LYS A 10 49.54 94.30 28.06
CA LYS A 10 48.16 93.96 27.74
C LYS A 10 48.07 93.21 26.41
N LEU A 11 48.93 93.57 25.47
CA LEU A 11 48.93 92.91 24.17
C LEU A 11 49.31 91.44 24.34
N THR A 12 50.37 91.19 25.09
CA THR A 12 50.81 89.83 25.35
C THR A 12 49.71 89.05 26.06
N ALA A 13 49.09 89.67 27.06
CA ALA A 13 48.03 89.04 27.81
C ALA A 13 46.87 88.68 26.87
N TYR A 14 46.50 89.64 26.03
CA TYR A 14 45.42 89.46 25.07
C TYR A 14 45.69 88.30 24.11
N GLN A 15 46.88 88.27 23.54
CA GLN A 15 47.23 87.21 22.60
C GLN A 15 47.23 85.85 23.27
N THR A 16 47.62 85.80 24.54
CA THR A 16 47.62 84.53 25.27
C THR A 16 46.19 84.08 25.52
N GLU A 17 45.32 85.04 25.85
CA GLU A 17 43.91 84.75 26.12
C GLU A 17 43.24 84.27 24.83
N LEU A 18 43.57 84.91 23.71
CA LEU A 18 43.02 84.53 22.42
C LEU A 18 43.35 83.07 22.13
N ALA A 19 44.62 82.72 22.23
CA ALA A 19 45.07 81.35 21.97
C ALA A 19 44.38 80.34 22.89
N ARG A 20 44.13 80.73 24.13
CA ARG A 20 43.46 79.85 25.09
C ARG A 20 42.04 79.55 24.60
N VAL A 21 41.30 80.59 24.27
CA VAL A 21 39.93 80.43 23.79
C VAL A 21 39.91 79.55 22.54
N GLN A 22 40.87 79.78 21.64
CA GLN A 22 40.96 79.00 20.41
C GLN A 22 41.16 77.52 20.69
N LYS A 23 42.07 77.19 21.60
CA LYS A 23 42.31 75.80 21.93
C LYS A 23 41.09 75.22 22.63
N ALA A 24 40.52 75.98 23.54
CA ALA A 24 39.33 75.55 24.28
C ALA A 24 38.21 75.20 23.32
N ASN A 25 37.95 76.07 22.35
CA ASN A 25 36.88 75.82 21.37
C ASN A 25 37.20 74.64 20.47
N ALA A 26 38.48 74.43 20.20
CA ALA A 26 38.91 73.31 19.35
C ALA A 26 38.58 72.00 20.07
N ASP A 27 38.86 71.95 21.37
CA ASP A 27 38.57 70.76 22.16
C ASP A 27 37.06 70.54 22.22
N ALA A 28 36.33 71.63 22.41
CA ALA A 28 34.88 71.57 22.48
C ALA A 28 34.30 71.01 21.19
N LYS A 29 34.81 71.51 20.06
CA LYS A 29 34.36 71.06 18.75
C LYS A 29 34.64 69.57 18.56
N ALA A 30 35.81 69.12 19.00
CA ALA A 30 36.19 67.72 18.88
C ALA A 30 35.26 66.84 19.70
N ALA A 31 34.88 67.33 20.88
CA ALA A 31 33.99 66.60 21.77
C ALA A 31 32.59 66.52 21.16
N TYR A 32 32.19 67.59 20.48
CA TYR A 32 30.88 67.64 19.84
C TYR A 32 30.85 66.68 18.64
N GLU A 33 31.96 66.59 17.93
CA GLU A 33 32.02 65.69 16.78
C GLU A 33 31.95 64.24 17.26
N ALA A 34 32.53 63.97 18.42
CA ALA A 34 32.51 62.62 18.98
C ALA A 34 31.08 62.26 19.39
N ALA A 35 30.34 63.25 19.89
CA ALA A 35 28.96 63.02 20.31
C ALA A 35 28.09 62.84 19.09
N VAL A 36 28.41 63.58 18.03
CA VAL A 36 27.67 63.49 16.77
C VAL A 36 27.87 62.12 16.14
N ALA A 37 29.10 61.63 16.18
CA ALA A 37 29.41 60.33 15.60
C ALA A 37 28.66 59.23 16.36
N ALA A 38 28.67 59.32 17.68
CA ALA A 38 28.00 58.35 18.52
C ALA A 38 26.49 58.37 18.27
N ASN A 39 25.94 59.55 18.04
CA ASN A 39 24.50 59.70 17.80
C ASN A 39 24.14 59.13 16.42
N ASN A 40 25.00 59.36 15.44
CA ASN A 40 24.75 58.87 14.09
C ASN A 40 24.82 57.34 14.07
N ALA A 41 25.77 56.79 14.81
CA ALA A 41 25.93 55.34 14.88
C ALA A 41 24.70 54.77 15.54
N ALA A 42 24.25 55.43 16.60
CA ALA A 42 23.07 54.98 17.34
C ALA A 42 21.83 54.97 16.45
N ASN A 43 21.63 56.03 15.68
CA ASN A 43 20.46 56.10 14.81
C ASN A 43 20.57 55.20 13.59
N ALA A 44 21.79 54.89 13.17
CA ALA A 44 22.00 54.01 12.04
C ALA A 44 21.56 52.62 12.45
N ALA A 45 21.96 52.21 13.65
CA ALA A 45 21.61 50.90 14.18
C ALA A 45 20.12 50.83 14.49
N LEU A 46 19.56 51.92 15.03
CA LEU A 46 18.13 51.95 15.35
C LEU A 46 17.31 51.85 14.07
N THR A 47 17.73 52.56 13.02
CA THR A 47 17.02 52.52 11.76
C THR A 47 17.10 51.13 11.14
N ALA A 48 18.28 50.53 11.15
CA ALA A 48 18.47 49.20 10.59
C ALA A 48 17.71 48.14 11.38
N GLU A 49 17.73 48.26 12.70
CA GLU A 49 17.02 47.29 13.54
C GLU A 49 15.52 47.44 13.38
N ASN A 50 15.05 48.68 13.21
CA ASN A 50 13.63 48.91 13.04
C ASN A 50 13.14 48.27 11.74
N THR A 51 13.97 48.36 10.70
CA THR A 51 13.61 47.77 9.43
C THR A 51 13.56 46.26 9.62
N ALA A 52 14.55 45.72 10.34
CA ALA A 52 14.61 44.29 10.62
C ALA A 52 13.39 43.85 11.44
N ILE A 53 13.02 44.68 12.43
CA ILE A 53 11.87 44.37 13.28
C ILE A 53 10.58 44.33 12.46
N LYS A 54 10.41 45.30 11.57
CA LYS A 54 9.23 45.32 10.72
C LYS A 54 9.15 44.05 9.89
N LYS A 55 10.29 43.60 9.38
CA LYS A 55 10.34 42.39 8.57
C LYS A 55 10.04 41.14 9.40
N ARG A 56 10.62 41.06 10.59
CA ARG A 56 10.37 39.90 11.46
C ARG A 56 8.91 39.85 11.88
N ASN A 57 8.31 41.02 12.14
CA ASN A 57 6.91 41.06 12.53
C ASN A 57 6.04 40.59 11.37
N ALA A 58 6.36 41.07 10.16
CA ALA A 58 5.59 40.69 8.98
C ALA A 58 5.64 39.18 8.79
N ASP A 59 6.83 38.59 8.89
CA ASP A 59 6.97 37.15 8.73
C ASP A 59 6.21 36.42 9.83
N ALA A 60 6.33 36.91 11.06
CA ALA A 60 5.64 36.31 12.18
C ALA A 60 4.14 36.27 11.91
N LYS A 61 3.61 37.40 11.48
CA LYS A 61 2.18 37.50 11.18
C LYS A 61 1.78 36.56 10.06
N ALA A 62 2.60 36.51 9.01
CA ALA A 62 2.33 35.65 7.87
C ALA A 62 2.35 34.17 8.26
N ASP A 63 3.35 33.76 9.03
CA ASP A 63 3.46 32.36 9.45
C ASP A 63 2.27 31.97 10.32
N TYR A 64 1.89 32.88 11.22
CA TYR A 64 0.77 32.66 12.12
C TYR A 64 -0.54 32.45 11.35
N GLU A 65 -0.81 33.31 10.38
CA GLU A 65 -2.02 33.18 9.59
C GLU A 65 -2.00 31.87 8.79
N ALA A 66 -0.82 31.49 8.30
CA ALA A 66 -0.69 30.26 7.54
C ALA A 66 -1.04 29.07 8.43
N LYS A 67 -0.63 29.16 9.70
CA LYS A 67 -0.89 28.09 10.65
C LYS A 67 -2.37 28.02 11.03
N LEU A 68 -2.98 29.19 11.21
CA LEU A 68 -4.40 29.25 11.56
C LEU A 68 -5.25 28.62 10.47
N ALA A 69 -4.79 28.73 9.23
CA ALA A 69 -5.51 28.17 8.09
C ALA A 69 -5.54 26.64 8.19
N LYS A 70 -4.39 26.06 8.51
CA LYS A 70 -4.29 24.61 8.65
C LYS A 70 -5.07 24.17 9.89
N TYR A 71 -4.92 24.93 10.97
CA TYR A 71 -5.61 24.62 12.22
C TYR A 71 -7.12 24.70 12.05
N GLN A 72 -7.59 25.73 11.37
CA GLN A 72 -9.02 25.91 11.16
C GLN A 72 -9.61 24.66 10.49
N ALA A 73 -8.90 24.14 9.49
CA ALA A 73 -9.35 22.96 8.77
C ALA A 73 -9.33 21.75 9.71
N ASP A 74 -8.24 21.62 10.47
CA ASP A 74 -8.11 20.50 11.40
C ASP A 74 -9.18 20.54 12.48
N LEU A 75 -9.46 21.73 12.98
CA LEU A 75 -10.45 21.89 14.04
C LEU A 75 -11.85 21.55 13.55
N ALA A 76 -12.19 22.02 12.35
CA ALA A 76 -13.50 21.75 11.78
C ALA A 76 -13.69 20.24 11.64
N LYS A 77 -12.62 19.55 11.24
CA LYS A 77 -12.67 18.11 11.06
C LYS A 77 -12.84 17.43 12.41
N TYR A 78 -12.12 17.93 13.41
CA TYR A 78 -12.21 17.38 14.76
C TYR A 78 -13.63 17.46 15.30
N GLN A 79 -14.21 18.64 15.24
CA GLN A 79 -15.57 18.84 15.76
C GLN A 79 -16.60 18.00 15.01
N LYS A 80 -16.33 17.72 13.73
CA LYS A 80 -17.24 16.90 12.92
C LYS A 80 -17.14 15.45 13.39
N ASP A 81 -15.92 14.93 13.50
CA ASP A 81 -15.72 13.57 13.95
C ASP A 81 -16.28 13.38 15.36
N LEU A 82 -16.13 14.40 16.19
CA LEU A 82 -16.63 14.34 17.55
C LEU A 82 -18.15 14.18 17.56
N ALA A 83 -18.81 14.93 16.69
CA ALA A 83 -20.26 14.86 16.62
C ALA A 83 -20.75 13.52 16.05
N ASP A 84 -19.96 12.93 15.15
CA ASP A 84 -20.32 11.66 14.53
C ASP A 84 -19.99 10.42 15.37
N TYR A 85 -19.08 10.58 16.31
CA TYR A 85 -18.66 9.46 17.16
C TYR A 85 -19.80 8.58 17.70
N PRO A 86 -20.78 9.18 18.39
CA PRO A 86 -21.88 8.38 18.93
C PRO A 86 -22.62 7.56 17.86
N VAL A 87 -22.80 8.14 16.68
CA VAL A 87 -23.50 7.45 15.60
C VAL A 87 -22.68 6.23 15.17
N LYS A 88 -21.39 6.42 15.02
CA LYS A 88 -20.51 5.33 14.61
C LYS A 88 -20.46 4.25 15.70
N LEU A 89 -20.46 4.67 16.96
CA LEU A 89 -20.39 3.72 18.06
C LEU A 89 -21.63 2.83 18.11
N LYS A 90 -22.80 3.43 17.96
CA LYS A 90 -24.05 2.67 17.99
C LYS A 90 -24.05 1.64 16.86
N ALA A 91 -23.67 2.09 15.65
CA ALA A 91 -23.62 1.21 14.49
C ALA A 91 -22.74 0.00 14.80
N TYR A 92 -21.58 0.27 15.37
CA TYR A 92 -20.64 -0.78 15.73
C TYR A 92 -21.27 -1.74 16.74
N GLU A 93 -21.70 -1.19 17.86
CA GLU A 93 -22.32 -1.99 18.92
C GLU A 93 -23.49 -2.80 18.40
N ASP A 94 -24.32 -2.19 17.55
CA ASP A 94 -25.48 -2.88 16.99
C ASP A 94 -25.09 -4.03 16.07
N GLU A 95 -24.01 -3.87 15.31
CA GLU A 95 -23.60 -4.96 14.44
C GLU A 95 -22.93 -6.06 15.25
N GLN A 96 -22.17 -5.67 16.27
CA GLN A 96 -21.51 -6.63 17.13
C GLN A 96 -22.50 -7.56 17.80
N THR A 97 -23.65 -7.00 18.18
CA THR A 97 -24.71 -7.78 18.82
C THR A 97 -25.28 -8.76 17.81
N SER A 98 -25.55 -8.26 16.60
CA SER A 98 -26.11 -9.07 15.53
C SER A 98 -25.17 -10.23 15.19
N ILE A 99 -23.89 -9.93 15.01
CA ILE A 99 -22.93 -10.95 14.67
C ILE A 99 -22.80 -12.02 15.74
N LYS A 100 -22.81 -11.60 17.00
CA LYS A 100 -22.69 -12.56 18.10
C LYS A 100 -23.93 -13.45 18.16
N ALA A 101 -25.09 -12.91 17.80
CA ALA A 101 -26.32 -13.68 17.80
C ALA A 101 -26.27 -14.65 16.62
N ALA A 102 -25.69 -14.18 15.51
CA ALA A 102 -25.58 -15.00 14.31
C ALA A 102 -24.65 -16.18 14.55
N LEU A 103 -23.55 -15.93 15.26
CA LEU A 103 -22.60 -17.00 15.56
C LEU A 103 -23.21 -18.02 16.50
N ALA A 104 -24.08 -17.56 17.38
CA ALA A 104 -24.74 -18.45 18.34
C ALA A 104 -25.62 -19.45 17.61
N GLU A 105 -26.30 -19.00 16.57
CA GLU A 105 -27.17 -19.87 15.79
C GLU A 105 -26.34 -20.82 14.95
N LEU A 106 -25.20 -20.35 14.45
CA LEU A 106 -24.31 -21.18 13.63
C LEU A 106 -23.73 -22.33 14.44
N GLU A 107 -23.46 -22.07 15.72
CA GLU A 107 -22.89 -23.10 16.60
C GLU A 107 -23.68 -24.40 16.54
N LYS A 108 -24.98 -24.29 16.28
CA LYS A 108 -25.85 -25.46 16.21
C LYS A 108 -25.89 -26.15 14.84
N HIS A 109 -25.20 -25.57 13.87
CA HIS A 109 -25.17 -26.13 12.52
C HIS A 109 -23.75 -26.33 12.02
N LYS A 110 -22.78 -26.19 12.91
CA LYS A 110 -21.37 -26.31 12.54
C LYS A 110 -20.93 -27.63 11.90
N ASN A 111 -21.71 -28.69 12.06
CA ASN A 111 -21.35 -29.97 11.47
C ASN A 111 -22.16 -30.31 10.23
N GLU A 112 -22.95 -29.36 9.76
CA GLU A 112 -23.77 -29.57 8.56
C GLU A 112 -22.96 -29.10 7.36
N ASP A 113 -23.22 -29.70 6.20
CA ASP A 113 -22.51 -29.36 4.98
C ASP A 113 -22.43 -27.86 4.72
N GLY A 114 -21.25 -27.40 4.29
CA GLY A 114 -21.07 -26.00 3.97
C GLY A 114 -20.78 -25.06 5.13
N ASN A 115 -20.89 -25.56 6.36
CA ASN A 115 -20.65 -24.73 7.54
C ASN A 115 -19.21 -24.83 8.05
N LEU A 116 -18.62 -23.70 8.45
CA LEU A 116 -17.27 -23.72 9.00
C LEU A 116 -17.34 -24.52 10.29
N THR A 117 -16.46 -25.50 10.45
CA THR A 117 -16.45 -26.33 11.66
C THR A 117 -16.29 -25.47 12.91
N GLU A 118 -15.65 -24.32 12.74
CA GLU A 118 -15.43 -23.38 13.82
C GLU A 118 -16.16 -22.09 13.47
N PRO A 119 -17.39 -21.91 13.98
CA PRO A 119 -18.17 -20.71 13.69
C PRO A 119 -17.31 -19.48 13.87
N SER A 120 -17.28 -18.64 12.84
CA SER A 120 -16.46 -17.44 12.89
C SER A 120 -16.98 -16.41 11.90
N ALA A 121 -16.86 -15.15 12.28
CA ALA A 121 -17.30 -14.06 11.40
C ALA A 121 -16.13 -13.73 10.50
N GLN A 122 -16.42 -13.22 9.30
CA GLN A 122 -15.36 -12.85 8.38
C GLN A 122 -15.05 -11.37 8.56
N ASN A 123 -13.96 -11.10 9.27
CA ASN A 123 -13.52 -9.73 9.53
C ASN A 123 -12.83 -9.13 8.31
N LEU A 124 -12.44 -9.99 7.36
CA LEU A 124 -11.77 -9.53 6.15
C LEU A 124 -12.70 -9.52 4.95
N VAL A 125 -13.17 -8.34 4.56
CA VAL A 125 -14.03 -8.21 3.40
C VAL A 125 -13.08 -7.88 2.26
N TYR A 126 -12.85 -8.87 1.40
CA TYR A 126 -11.92 -8.74 0.30
C TYR A 126 -12.38 -9.75 -0.75
N ASP A 127 -13.40 -9.38 -1.52
CA ASP A 127 -13.97 -10.29 -2.52
C ASP A 127 -13.90 -9.85 -3.98
N LEU A 128 -13.93 -8.55 -4.26
CA LEU A 128 -13.87 -8.10 -5.64
C LEU A 128 -13.36 -6.66 -5.76
N GLU A 129 -12.33 -6.46 -6.57
CA GLU A 129 -11.73 -5.14 -6.77
C GLU A 129 -11.41 -4.93 -8.25
N PRO A 130 -12.45 -4.84 -9.10
CA PRO A 130 -12.27 -4.64 -10.54
C PRO A 130 -11.51 -3.39 -10.93
N ASN A 131 -11.58 -2.36 -10.09
CA ASN A 131 -10.91 -1.08 -10.39
C ASN A 131 -9.57 -0.85 -9.71
N ALA A 132 -8.96 -1.89 -9.17
CA ALA A 132 -7.67 -1.75 -8.51
C ALA A 132 -6.58 -1.46 -9.53
N ASN A 133 -5.54 -0.78 -9.08
CA ASN A 133 -4.41 -0.45 -9.94
C ASN A 133 -3.26 -1.38 -9.56
N LEU A 134 -2.59 -1.93 -10.57
CA LEU A 134 -1.47 -2.83 -10.35
C LEU A 134 -0.15 -2.24 -10.79
N SER A 135 0.84 -2.28 -9.87
CA SER A 135 2.18 -1.81 -10.16
C SER A 135 3.08 -3.00 -9.84
N LEU A 136 4.00 -3.33 -10.73
CA LEU A 136 4.88 -4.47 -10.54
C LEU A 136 6.36 -4.16 -10.65
N THR A 137 7.14 -4.91 -9.87
CA THR A 137 8.59 -4.86 -9.93
C THR A 137 8.97 -6.33 -9.99
N THR A 138 10.14 -6.67 -10.52
CA THR A 138 10.52 -8.06 -10.62
C THR A 138 12.02 -8.22 -10.79
N ASP A 139 12.53 -9.38 -10.43
CA ASP A 139 13.96 -9.62 -10.62
C ASP A 139 14.05 -10.56 -11.83
N GLY A 140 12.91 -10.75 -12.48
CA GLY A 140 12.82 -11.57 -13.66
C GLY A 140 12.71 -10.66 -14.87
N LYS A 141 11.84 -11.00 -15.82
CA LYS A 141 11.66 -10.20 -17.02
C LYS A 141 10.21 -9.78 -17.23
N PHE A 142 9.98 -8.51 -17.55
CA PHE A 142 8.62 -8.05 -17.86
C PHE A 142 8.41 -8.54 -19.29
N LEU A 143 7.21 -9.00 -19.61
CA LEU A 143 6.95 -9.47 -20.97
C LEU A 143 6.05 -8.47 -21.71
N LYS A 144 6.39 -8.20 -22.96
CA LYS A 144 5.63 -7.28 -23.78
C LYS A 144 4.24 -7.85 -24.04
N ALA A 145 3.24 -6.99 -24.03
CA ALA A 145 1.88 -7.43 -24.29
C ALA A 145 1.81 -8.02 -25.70
N SER A 146 2.55 -7.42 -26.62
CA SER A 146 2.56 -7.90 -28.00
C SER A 146 3.11 -9.31 -28.07
N ALA A 147 4.05 -9.62 -27.18
CA ALA A 147 4.66 -10.95 -27.14
C ALA A 147 3.67 -11.95 -26.56
N VAL A 148 2.91 -11.52 -25.56
CA VAL A 148 1.91 -12.39 -24.94
C VAL A 148 0.84 -12.69 -25.98
N ASP A 149 0.42 -11.65 -26.71
CA ASP A 149 -0.59 -11.82 -27.73
C ASP A 149 -0.10 -12.81 -28.78
N ASP A 150 1.15 -12.66 -29.22
CA ASP A 150 1.70 -13.54 -30.23
C ASP A 150 1.73 -14.99 -29.74
N ALA A 151 2.10 -15.19 -28.48
CA ALA A 151 2.18 -16.53 -27.91
C ALA A 151 0.81 -17.21 -27.87
N PHE A 152 -0.22 -16.43 -27.57
CA PHE A 152 -1.58 -16.96 -27.51
C PHE A 152 -2.08 -17.36 -28.90
N SER A 153 -1.65 -16.61 -29.91
CA SER A 153 -2.06 -16.87 -31.29
C SER A 153 -1.35 -18.05 -31.94
N LYS A 154 -0.39 -18.64 -31.24
CA LYS A 154 0.37 -19.76 -31.78
C LYS A 154 0.27 -21.01 -30.92
N SER A 155 0.81 -22.10 -31.46
CA SER A 155 0.88 -23.37 -30.77
C SER A 155 -0.43 -23.91 -30.20
N THR A 156 -0.36 -24.42 -28.98
CA THR A 156 -1.51 -25.04 -28.31
C THR A 156 -2.73 -24.18 -27.97
N SER A 157 -2.57 -22.86 -27.90
CA SER A 157 -3.70 -21.99 -27.59
C SER A 157 -4.30 -21.34 -28.84
N LYS A 158 -3.71 -21.62 -29.99
CA LYS A 158 -4.15 -21.04 -31.25
C LYS A 158 -5.61 -21.31 -31.62
N ALA A 159 -6.03 -22.57 -31.50
CA ALA A 159 -7.39 -22.94 -31.85
C ALA A 159 -8.44 -22.09 -31.12
N LYS A 160 -8.22 -21.90 -29.82
CA LYS A 160 -9.13 -21.10 -28.99
C LYS A 160 -8.99 -19.62 -29.32
N TYR A 161 -7.76 -19.19 -29.52
CA TYR A 161 -7.48 -17.80 -29.84
C TYR A 161 -8.27 -17.39 -31.10
N ASP A 162 -8.27 -18.27 -32.09
CA ASP A 162 -8.97 -17.97 -33.34
C ASP A 162 -10.48 -17.95 -33.14
N GLN A 163 -10.95 -18.40 -31.98
CA GLN A 163 -12.37 -18.40 -31.65
C GLN A 163 -12.66 -17.28 -30.64
N LYS A 164 -11.74 -16.33 -30.55
CA LYS A 164 -11.87 -15.19 -29.64
C LYS A 164 -11.92 -15.60 -28.17
N ILE A 165 -11.09 -16.58 -27.82
CA ILE A 165 -11.01 -17.09 -26.46
C ILE A 165 -9.54 -17.12 -26.05
N LEU A 166 -9.23 -16.59 -24.87
CA LEU A 166 -7.86 -16.63 -24.36
C LEU A 166 -7.85 -17.77 -23.36
N GLN A 167 -7.30 -18.90 -23.78
CA GLN A 167 -7.26 -20.12 -22.96
C GLN A 167 -5.90 -20.17 -22.27
N LEU A 168 -5.82 -19.59 -21.07
CA LEU A 168 -4.54 -19.55 -20.34
C LEU A 168 -3.87 -20.89 -20.07
N ASP A 169 -4.66 -21.93 -19.76
CA ASP A 169 -4.06 -23.23 -19.47
C ASP A 169 -3.56 -23.98 -20.71
N ASP A 170 -3.76 -23.41 -21.89
CA ASP A 170 -3.29 -24.00 -23.14
C ASP A 170 -2.11 -23.20 -23.71
N LEU A 171 -1.76 -22.10 -23.05
CA LEU A 171 -0.66 -21.27 -23.54
C LEU A 171 0.70 -21.96 -23.45
N ASP A 172 1.36 -22.09 -24.59
CA ASP A 172 2.69 -22.68 -24.67
C ASP A 172 3.67 -21.54 -24.40
N ILE A 173 4.37 -21.58 -23.27
CA ILE A 173 5.28 -20.48 -22.93
C ILE A 173 6.58 -20.49 -23.73
N THR A 174 6.74 -21.48 -24.59
CA THR A 174 7.93 -21.56 -25.43
C THR A 174 8.12 -20.24 -26.18
N ASN A 175 7.00 -19.67 -26.62
CA ASN A 175 7.01 -18.42 -27.37
C ASN A 175 7.09 -17.14 -26.53
N LEU A 176 7.46 -17.27 -25.26
CA LEU A 176 7.60 -16.13 -24.38
C LEU A 176 9.04 -16.02 -23.90
N GLU A 177 9.87 -16.94 -24.36
CA GLU A 177 11.27 -17.01 -23.92
C GLU A 177 12.34 -16.35 -24.80
N GLN A 178 11.93 -15.67 -25.87
CA GLN A 178 12.90 -15.01 -26.74
C GLN A 178 13.31 -13.66 -26.17
N SER A 179 14.58 -13.29 -26.32
CA SER A 179 15.08 -12.04 -25.77
C SER A 179 14.29 -10.80 -26.20
N ASN A 180 13.68 -10.87 -27.37
CA ASN A 180 12.91 -9.74 -27.89
C ASN A 180 11.47 -9.67 -27.36
N ASP A 181 11.15 -10.50 -26.37
CA ASP A 181 9.81 -10.49 -25.78
C ASP A 181 9.83 -9.67 -24.50
N VAL A 182 11.03 -9.27 -24.08
CA VAL A 182 11.21 -8.49 -22.87
C VAL A 182 10.84 -7.01 -22.98
N ALA A 183 10.10 -6.53 -21.99
CA ALA A 183 9.68 -5.13 -21.94
C ALA A 183 10.43 -4.45 -20.80
N SER A 184 10.51 -3.13 -20.85
CA SER A 184 11.20 -2.37 -19.81
C SER A 184 10.27 -2.02 -18.66
N SER A 185 8.96 -2.10 -18.91
CA SER A 185 7.96 -1.80 -17.90
C SER A 185 6.81 -2.80 -18.04
N MET A 186 6.00 -2.93 -17.00
CA MET A 186 4.86 -3.85 -17.04
C MET A 186 3.89 -3.38 -18.12
N GLU A 187 3.32 -4.34 -18.84
CA GLU A 187 2.34 -4.05 -19.90
C GLU A 187 1.14 -4.96 -19.68
N LEU A 188 -0.07 -4.40 -19.77
CA LEU A 188 -1.28 -5.19 -19.54
C LEU A 188 -1.80 -5.85 -20.81
N TYR A 189 -2.39 -7.03 -20.64
CA TYR A 189 -2.97 -7.79 -21.74
C TYR A 189 -4.24 -8.45 -21.21
N GLY A 190 -5.18 -8.76 -22.10
CA GLY A 190 -6.42 -9.37 -21.67
C GLY A 190 -7.55 -9.12 -22.65
N ASN A 191 -8.77 -9.47 -22.26
CA ASN A 191 -9.92 -9.28 -23.12
C ASN A 191 -10.52 -7.87 -22.98
N PHE A 192 -9.73 -6.88 -23.36
CA PHE A 192 -10.15 -5.48 -23.29
C PHE A 192 -9.64 -4.76 -24.54
N GLY A 193 -10.03 -3.51 -24.71
CA GLY A 193 -9.60 -2.76 -25.87
C GLY A 193 -9.96 -3.49 -27.15
N ASP A 194 -8.96 -3.78 -27.97
CA ASP A 194 -9.18 -4.46 -29.24
C ASP A 194 -9.74 -5.87 -29.04
N LYS A 195 -9.69 -6.36 -27.81
CA LYS A 195 -10.22 -7.69 -27.53
C LYS A 195 -11.42 -7.66 -26.60
N ALA A 196 -12.07 -6.50 -26.53
CA ALA A 196 -13.28 -6.39 -25.71
C ALA A 196 -14.24 -7.37 -26.37
N GLY A 197 -15.04 -8.05 -25.56
CA GLY A 197 -15.98 -9.01 -26.12
C GLY A 197 -15.43 -10.43 -26.16
N TRP A 198 -14.12 -10.56 -26.03
CA TRP A 198 -13.49 -11.89 -26.03
C TRP A 198 -13.72 -12.55 -24.67
N SER A 199 -13.51 -13.86 -24.60
CA SER A 199 -13.67 -14.60 -23.35
C SER A 199 -12.30 -15.12 -22.93
N THR A 200 -12.17 -15.47 -21.64
CA THR A 200 -10.92 -16.04 -21.13
C THR A 200 -11.32 -17.10 -20.12
N THR A 201 -10.36 -17.95 -19.75
CA THR A 201 -10.63 -19.02 -18.79
C THR A 201 -10.70 -18.54 -17.35
N VAL A 202 -10.42 -17.26 -17.12
CA VAL A 202 -10.44 -16.70 -15.77
C VAL A 202 -11.84 -16.34 -15.29
N SER A 203 -12.52 -15.47 -16.05
CA SER A 203 -13.87 -15.04 -15.67
C SER A 203 -14.84 -15.02 -16.86
N ASN A 204 -14.73 -16.01 -17.73
CA ASN A 204 -15.61 -16.11 -18.90
C ASN A 204 -15.59 -14.84 -19.74
N ASN A 205 -16.75 -14.22 -19.95
CA ASN A 205 -16.75 -13.00 -20.75
C ASN A 205 -16.61 -11.70 -19.97
N SER A 206 -16.30 -11.78 -18.69
CA SER A 206 -16.09 -10.56 -17.90
C SER A 206 -14.68 -10.07 -18.25
N GLN A 207 -14.49 -8.76 -18.24
CA GLN A 207 -13.19 -8.20 -18.57
C GLN A 207 -12.14 -8.40 -17.47
N VAL A 208 -10.98 -8.92 -17.85
CA VAL A 208 -9.87 -9.12 -16.93
C VAL A 208 -8.61 -8.62 -17.63
N LYS A 209 -7.64 -8.15 -16.84
CA LYS A 209 -6.39 -7.66 -17.39
C LYS A 209 -5.26 -8.18 -16.54
N TRP A 210 -4.11 -8.42 -17.13
CA TRP A 210 -2.98 -8.91 -16.36
C TRP A 210 -1.63 -8.45 -16.87
N GLY A 211 -0.69 -8.32 -15.94
CA GLY A 211 0.66 -7.93 -16.30
C GLY A 211 1.42 -9.24 -16.32
N SER A 212 2.38 -9.38 -17.22
CA SER A 212 3.11 -10.63 -17.33
C SER A 212 4.61 -10.53 -17.09
N VAL A 213 5.17 -11.58 -16.51
CA VAL A 213 6.61 -11.67 -16.25
C VAL A 213 7.07 -13.09 -16.55
N LEU A 214 8.37 -13.24 -16.81
CA LEU A 214 8.97 -14.54 -17.07
C LEU A 214 9.96 -14.73 -15.93
N LEU A 215 9.76 -15.76 -15.12
CA LEU A 215 10.60 -16.03 -13.97
C LEU A 215 11.28 -17.38 -13.97
N GLU A 216 12.40 -17.46 -13.25
CA GLU A 216 13.15 -18.71 -13.08
C GLU A 216 12.91 -19.11 -11.62
N ARG A 217 13.28 -20.32 -11.25
CA ARG A 217 13.12 -20.74 -9.86
C ARG A 217 13.82 -19.73 -8.96
N GLY A 218 13.17 -19.37 -7.86
CA GLY A 218 13.77 -18.43 -6.93
C GLY A 218 13.52 -16.97 -7.25
N GLN A 219 13.15 -16.66 -8.49
CA GLN A 219 12.89 -15.28 -8.87
C GLN A 219 11.46 -14.94 -8.49
N SER A 220 11.17 -13.65 -8.40
CA SER A 220 9.85 -13.21 -7.99
C SER A 220 9.38 -11.94 -8.68
N ALA A 221 8.13 -11.59 -8.37
CA ALA A 221 7.50 -10.38 -8.87
C ALA A 221 6.70 -9.85 -7.69
N THR A 222 6.80 -8.55 -7.44
CA THR A 222 6.08 -7.97 -6.32
C THR A 222 5.00 -7.03 -6.82
N ALA A 223 3.76 -7.36 -6.48
CA ALA A 223 2.62 -6.57 -6.92
C ALA A 223 2.12 -5.64 -5.83
N THR A 224 1.93 -4.38 -6.20
CA THR A 224 1.41 -3.38 -5.28
C THR A 224 0.06 -2.98 -5.86
N TYR A 225 -1.01 -3.30 -5.13
CA TYR A 225 -2.35 -2.99 -5.60
C TYR A 225 -2.89 -1.79 -4.84
N THR A 226 -3.35 -0.79 -5.58
CA THR A 226 -3.92 0.41 -4.96
C THR A 226 -5.27 0.73 -5.57
N ASN A 227 -5.84 1.86 -5.15
CA ASN A 227 -7.16 2.28 -5.62
C ASN A 227 -8.23 1.24 -5.30
N LEU A 228 -8.14 0.64 -4.13
CA LEU A 228 -9.12 -0.35 -3.70
C LEU A 228 -10.39 0.38 -3.28
N GLN A 229 -11.55 -0.21 -3.56
CA GLN A 229 -12.82 0.42 -3.26
C GLN A 229 -13.74 -0.33 -2.32
N ASN A 230 -13.63 -1.66 -2.29
CA ASN A 230 -14.55 -2.46 -1.48
C ASN A 230 -13.96 -3.37 -0.42
N SER A 231 -12.70 -3.17 -0.06
CA SER A 231 -12.09 -4.04 0.93
C SER A 231 -11.84 -3.42 2.29
N TYR A 232 -12.16 -4.19 3.33
CA TYR A 232 -12.01 -3.73 4.71
C TYR A 232 -11.60 -4.87 5.64
N TYR A 233 -11.00 -4.49 6.76
CA TYR A 233 -10.62 -5.43 7.81
C TYR A 233 -11.25 -4.85 9.08
N ASN A 234 -12.20 -5.56 9.67
CA ASN A 234 -12.87 -5.08 10.87
C ASN A 234 -13.45 -3.68 10.60
N GLY A 235 -13.97 -3.50 9.40
CA GLY A 235 -14.56 -2.22 9.03
C GLY A 235 -13.57 -1.14 8.64
N LYS A 236 -12.28 -1.42 8.78
CA LYS A 236 -11.24 -0.46 8.43
C LYS A 236 -10.90 -0.62 6.95
N LYS A 237 -10.97 0.48 6.21
CA LYS A 237 -10.69 0.43 4.78
C LYS A 237 -9.26 0.03 4.47
N ILE A 238 -9.11 -0.91 3.53
CA ILE A 238 -7.79 -1.37 3.09
C ILE A 238 -7.48 -0.53 1.85
N SER A 239 -6.37 0.21 1.89
CA SER A 239 -6.00 1.07 0.78
C SER A 239 -4.94 0.51 -0.14
N LYS A 240 -4.11 -0.39 0.38
CA LYS A 240 -3.05 -0.97 -0.42
C LYS A 240 -2.70 -2.39 0.01
N ILE A 241 -2.24 -3.18 -0.95
CA ILE A 241 -1.84 -4.56 -0.69
C ILE A 241 -0.52 -4.79 -1.42
N VAL A 242 0.48 -5.29 -0.71
CA VAL A 242 1.77 -5.59 -1.34
C VAL A 242 1.90 -7.10 -1.29
N TYR A 243 2.05 -7.68 -2.47
CA TYR A 243 2.07 -9.13 -2.61
C TYR A 243 3.25 -9.61 -3.44
N LYS A 244 4.08 -10.47 -2.87
CA LYS A 244 5.24 -10.99 -3.57
C LYS A 244 5.01 -12.45 -3.99
N TYR A 245 5.18 -12.72 -5.27
CA TYR A 245 5.02 -14.06 -5.82
C TYR A 245 6.39 -14.61 -6.20
N THR A 246 6.77 -15.74 -5.61
CA THR A 246 8.08 -16.34 -5.91
C THR A 246 7.94 -17.77 -6.43
N VAL A 247 8.69 -18.10 -7.49
CA VAL A 247 8.64 -19.47 -8.00
C VAL A 247 9.41 -20.35 -7.02
N ASP A 248 8.70 -21.32 -6.42
CA ASP A 248 9.31 -22.23 -5.46
C ASP A 248 10.39 -23.08 -6.13
N PRO A 249 11.62 -23.03 -5.61
CA PRO A 249 12.72 -23.81 -6.20
C PRO A 249 12.43 -25.31 -6.24
N LYS A 250 11.61 -25.78 -5.32
CA LYS A 250 11.26 -27.20 -5.26
C LYS A 250 10.30 -27.66 -6.34
N SER A 251 9.85 -26.73 -7.18
CA SER A 251 8.95 -27.08 -8.27
C SER A 251 9.66 -28.08 -9.18
N LYS A 252 8.93 -29.09 -9.65
CA LYS A 252 9.52 -30.13 -10.47
C LYS A 252 9.29 -30.04 -11.98
N PHE A 253 8.76 -28.93 -12.48
CA PHE A 253 8.54 -28.83 -13.92
C PHE A 253 9.85 -28.98 -14.66
N GLN A 254 9.79 -29.56 -15.86
CA GLN A 254 10.98 -29.82 -16.66
C GLN A 254 11.69 -28.58 -17.19
N GLY A 255 10.95 -27.52 -17.47
CA GLY A 255 11.58 -26.31 -17.97
C GLY A 255 12.32 -25.52 -16.90
N GLN A 256 12.87 -24.38 -17.29
CA GLN A 256 13.58 -23.52 -16.33
C GLN A 256 12.89 -22.17 -16.25
N LYS A 257 11.82 -21.98 -17.03
CA LYS A 257 11.11 -20.72 -17.04
C LYS A 257 9.64 -20.86 -16.67
N VAL A 258 9.10 -19.80 -16.07
CA VAL A 258 7.71 -19.77 -15.67
C VAL A 258 7.09 -18.45 -16.08
N TRP A 259 5.88 -18.52 -16.63
CA TRP A 259 5.16 -17.31 -17.00
C TRP A 259 4.18 -17.03 -15.87
N LEU A 260 4.18 -15.80 -15.38
CA LEU A 260 3.22 -15.42 -14.34
C LEU A 260 2.36 -14.30 -14.90
N GLY A 261 1.05 -14.51 -14.87
CA GLY A 261 0.11 -13.50 -15.33
C GLY A 261 -0.57 -13.01 -14.06
N ILE A 262 -0.31 -11.76 -13.68
CA ILE A 262 -0.88 -11.21 -12.46
C ILE A 262 -2.02 -10.24 -12.76
N PHE A 263 -3.23 -10.63 -12.39
CA PHE A 263 -4.40 -9.81 -12.68
C PHE A 263 -4.43 -8.49 -11.92
N THR A 264 -4.99 -7.47 -12.55
CA THR A 264 -5.07 -6.14 -11.95
C THR A 264 -5.98 -6.17 -10.73
N ASP A 265 -6.99 -7.04 -10.76
CA ASP A 265 -7.90 -7.22 -9.64
C ASP A 265 -7.22 -8.25 -8.75
N PRO A 266 -6.68 -7.82 -7.59
CA PRO A 266 -5.99 -8.74 -6.68
C PRO A 266 -6.77 -9.99 -6.25
N THR A 267 -8.10 -9.88 -6.19
CA THR A 267 -8.90 -11.02 -5.78
C THR A 267 -8.92 -12.13 -6.84
N LEU A 268 -8.47 -11.82 -8.06
CA LEU A 268 -8.44 -12.79 -9.13
C LEU A 268 -7.15 -13.60 -9.11
N GLY A 269 -6.19 -13.13 -8.34
CA GLY A 269 -4.94 -13.86 -8.18
C GLY A 269 -3.91 -13.87 -9.29
N VAL A 270 -3.48 -15.07 -9.66
CA VAL A 270 -2.44 -15.23 -10.66
C VAL A 270 -2.55 -16.54 -11.42
N PHE A 271 -1.96 -16.55 -12.61
CA PHE A 271 -1.89 -17.75 -13.41
C PHE A 271 -0.40 -18.01 -13.58
N ALA A 272 0.04 -19.20 -13.20
CA ALA A 272 1.46 -19.55 -13.32
C ALA A 272 1.62 -20.73 -14.27
N SER A 273 2.59 -20.65 -15.18
CA SER A 273 2.75 -21.73 -16.13
C SER A 273 4.17 -22.01 -16.60
N ALA A 274 4.54 -23.30 -16.61
CA ALA A 274 5.83 -23.74 -17.09
C ALA A 274 5.55 -24.67 -18.27
N TYR A 275 4.30 -24.67 -18.73
CA TYR A 275 3.85 -25.52 -19.83
C TYR A 275 4.43 -25.13 -21.19
N THR A 276 5.07 -26.09 -21.85
CA THR A 276 5.67 -25.85 -23.15
C THR A 276 5.12 -26.75 -24.25
N GLY A 277 3.84 -27.11 -24.15
CA GLY A 277 3.20 -27.92 -25.17
C GLY A 277 2.91 -29.39 -24.91
N GLN A 278 3.60 -29.99 -23.95
CA GLN A 278 3.40 -31.41 -23.63
C GLN A 278 3.19 -31.63 -22.14
N VAL A 279 2.40 -32.64 -21.78
CA VAL A 279 2.17 -32.93 -20.37
C VAL A 279 3.42 -33.58 -19.80
N GLU A 280 3.57 -33.50 -18.49
CA GLU A 280 4.75 -34.05 -17.82
C GLU A 280 4.38 -34.95 -16.64
N LYS A 281 5.14 -36.03 -16.46
CA LYS A 281 4.93 -36.95 -15.35
C LYS A 281 5.76 -36.47 -14.16
N ASN A 282 5.32 -36.81 -12.94
CA ASN A 282 6.03 -36.41 -11.72
C ASN A 282 6.44 -34.94 -11.73
N THR A 283 5.53 -34.09 -12.18
CA THR A 283 5.81 -32.66 -12.28
C THR A 283 5.06 -31.84 -11.24
N SER A 284 5.44 -30.57 -11.11
CA SER A 284 4.76 -29.69 -10.19
C SER A 284 5.16 -28.24 -10.44
N ILE A 285 4.32 -27.33 -9.95
CA ILE A 285 4.61 -25.91 -10.05
C ILE A 285 4.00 -25.30 -8.80
N PHE A 286 4.85 -24.67 -8.00
CA PHE A 286 4.42 -24.05 -6.75
C PHE A 286 4.90 -22.60 -6.71
N ILE A 287 4.01 -21.72 -6.24
CA ILE A 287 4.33 -20.31 -6.13
C ILE A 287 4.18 -19.88 -4.68
N LYS A 288 5.23 -19.27 -4.13
CA LYS A 288 5.19 -18.81 -2.75
C LYS A 288 4.49 -17.46 -2.77
N ASN A 289 3.60 -17.22 -1.81
CA ASN A 289 2.87 -15.97 -1.73
C ASN A 289 3.11 -15.29 -0.38
N GLU A 290 3.63 -14.06 -0.41
CA GLU A 290 3.89 -13.30 0.80
C GLU A 290 3.13 -11.98 0.68
N PHE A 291 2.25 -11.70 1.64
CA PHE A 291 1.45 -10.50 1.54
C PHE A 291 1.20 -9.71 2.82
N THR A 292 1.02 -8.40 2.63
CA THR A 292 0.75 -7.47 3.70
C THR A 292 -0.32 -6.48 3.23
N PHE A 293 -1.33 -6.25 4.06
CA PHE A 293 -2.40 -5.31 3.74
C PHE A 293 -2.14 -4.01 4.52
N TYR A 294 -2.48 -2.87 3.92
CA TYR A 294 -2.25 -1.58 4.56
C TYR A 294 -3.52 -0.72 4.68
N ASP A 295 -3.57 0.12 5.71
CA ASP A 295 -4.74 0.98 5.90
C ASP A 295 -4.56 2.32 5.19
N GLU A 296 -5.57 3.19 5.31
CA GLU A 296 -5.57 4.50 4.68
C GLU A 296 -4.31 5.31 5.01
N ASP A 297 -3.73 5.08 6.18
CA ASP A 297 -2.54 5.82 6.57
C ASP A 297 -1.25 5.15 6.10
N GLY A 298 -1.38 4.04 5.39
CA GLY A 298 -0.21 3.35 4.89
C GLY A 298 0.46 2.47 5.93
N LYS A 299 -0.26 2.20 7.01
CA LYS A 299 0.27 1.36 8.07
C LYS A 299 -0.15 -0.09 7.86
N PRO A 300 0.76 -1.05 8.08
CA PRO A 300 0.46 -2.47 7.91
C PRO A 300 -0.66 -2.89 8.85
N ILE A 301 -1.58 -3.71 8.34
CA ILE A 301 -2.70 -4.18 9.15
C ILE A 301 -2.32 -5.47 9.85
N ASN A 302 -2.39 -5.45 11.18
CA ASN A 302 -2.05 -6.62 11.99
C ASN A 302 -3.30 -7.43 12.23
N PHE A 303 -3.51 -8.44 11.38
CA PHE A 303 -4.69 -9.29 11.47
C PHE A 303 -4.81 -10.03 12.81
N ASP A 304 -6.06 -10.23 13.21
CA ASP A 304 -6.39 -10.95 14.43
C ASP A 304 -7.40 -12.00 13.99
N ASN A 305 -6.88 -13.14 13.53
CA ASN A 305 -7.72 -14.24 13.05
C ASN A 305 -8.57 -13.89 11.83
N ALA A 306 -7.97 -13.22 10.86
CA ALA A 306 -8.66 -12.86 9.63
C ALA A 306 -8.84 -14.17 8.89
N LEU A 307 -9.99 -14.37 8.25
CA LEU A 307 -10.23 -15.60 7.52
C LEU A 307 -9.82 -15.50 6.07
N LEU A 308 -8.83 -16.29 5.68
CA LEU A 308 -8.38 -16.30 4.29
C LEU A 308 -9.00 -17.50 3.59
N SER A 309 -9.70 -17.24 2.50
CA SER A 309 -10.34 -18.31 1.73
C SER A 309 -9.32 -19.00 0.84
N VAL A 310 -9.32 -20.32 0.88
CA VAL A 310 -8.45 -21.11 0.01
C VAL A 310 -9.44 -22.00 -0.72
N ALA A 311 -9.75 -21.64 -1.96
CA ALA A 311 -10.74 -22.40 -2.71
C ALA A 311 -10.24 -22.96 -4.02
N SER A 312 -11.13 -23.63 -4.74
CA SER A 312 -10.83 -24.22 -6.05
C SER A 312 -9.61 -25.14 -5.98
N LEU A 313 -9.52 -25.93 -4.92
CA LEU A 313 -8.41 -26.86 -4.76
C LEU A 313 -8.75 -28.17 -5.47
N ASN A 314 -8.65 -28.12 -6.80
CA ASN A 314 -8.97 -29.25 -7.66
C ASN A 314 -8.06 -30.46 -7.49
N ARG A 315 -8.68 -31.63 -7.49
CA ARG A 315 -7.94 -32.88 -7.42
C ARG A 315 -8.56 -33.83 -8.43
N GLU A 316 -7.78 -34.17 -9.45
CA GLU A 316 -8.19 -35.09 -10.51
C GLU A 316 -7.49 -36.41 -10.21
N HIS A 317 -7.75 -37.44 -11.01
CA HIS A 317 -7.13 -38.74 -10.73
C HIS A 317 -5.61 -38.72 -10.79
N ASN A 318 -5.04 -37.75 -11.50
CA ASN A 318 -3.58 -37.66 -11.65
C ASN A 318 -2.97 -36.34 -11.18
N SER A 319 -3.80 -35.45 -10.66
CA SER A 319 -3.32 -34.12 -10.27
C SER A 319 -3.92 -33.59 -8.97
N ILE A 320 -3.09 -32.98 -8.14
CA ILE A 320 -3.56 -32.41 -6.88
C ILE A 320 -3.14 -30.96 -6.74
N GLU A 321 -4.11 -30.07 -6.52
CA GLU A 321 -3.81 -28.65 -6.29
C GLU A 321 -3.82 -28.53 -4.78
N MET A 322 -2.83 -27.84 -4.21
CA MET A 322 -2.77 -27.74 -2.76
C MET A 322 -2.10 -26.47 -2.28
N ALA A 323 -2.32 -26.17 -1.00
CA ALA A 323 -1.71 -25.02 -0.35
C ALA A 323 -0.83 -25.65 0.72
N LYS A 324 0.33 -25.07 0.97
CA LYS A 324 1.23 -25.60 1.99
C LYS A 324 2.16 -24.52 2.51
N ASP A 325 2.94 -24.87 3.54
CA ASP A 325 3.87 -23.92 4.15
C ASP A 325 3.19 -22.58 4.39
N TYR A 326 2.08 -22.62 5.10
CA TYR A 326 1.31 -21.42 5.36
C TYR A 326 1.38 -20.93 6.80
N SER A 327 1.20 -19.61 6.96
CA SER A 327 1.18 -19.02 8.28
C SER A 327 -0.30 -19.15 8.66
N GLY A 328 -0.60 -19.23 9.94
CA GLY A 328 -2.00 -19.35 10.32
C GLY A 328 -2.47 -20.78 10.56
N LYS A 329 -3.76 -20.92 10.84
CA LYS A 329 -4.34 -22.22 11.13
C LYS A 329 -5.47 -22.57 10.17
N PHE A 330 -5.42 -23.78 9.64
CA PHE A 330 -6.44 -24.24 8.72
C PHE A 330 -7.75 -24.49 9.45
N VAL A 331 -8.86 -24.08 8.84
CA VAL A 331 -10.17 -24.32 9.43
C VAL A 331 -10.99 -25.03 8.36
N LYS A 332 -11.44 -26.23 8.68
CA LYS A 332 -12.20 -27.03 7.73
C LYS A 332 -13.65 -26.61 7.60
N ILE A 333 -14.21 -26.83 6.42
CA ILE A 333 -15.61 -26.55 6.17
C ILE A 333 -16.25 -27.93 6.15
N SER A 334 -17.27 -28.12 6.98
CA SER A 334 -17.92 -29.42 7.06
C SER A 334 -18.47 -29.88 5.72
N GLY A 335 -18.18 -31.13 5.38
CA GLY A 335 -18.66 -31.67 4.12
C GLY A 335 -17.75 -31.45 2.93
N SER A 336 -16.80 -30.54 3.05
CA SER A 336 -15.87 -30.26 1.95
C SER A 336 -14.89 -31.41 1.71
N SER A 337 -14.38 -31.51 0.49
CA SER A 337 -13.42 -32.54 0.15
C SER A 337 -12.05 -32.13 0.67
N ILE A 338 -11.94 -30.85 1.01
CA ILE A 338 -10.67 -30.30 1.48
C ILE A 338 -10.37 -30.46 2.97
N GLY A 339 -9.19 -30.97 3.26
CA GLY A 339 -8.76 -31.16 4.63
C GLY A 339 -7.28 -30.82 4.73
N GLU A 340 -6.66 -31.12 5.85
CA GLU A 340 -5.25 -30.83 6.05
C GLU A 340 -4.50 -32.09 6.47
N LYS A 341 -3.35 -32.34 5.86
CA LYS A 341 -2.54 -33.50 6.17
C LYS A 341 -1.06 -33.21 5.92
N ASN A 342 -0.24 -33.40 6.95
CA ASN A 342 1.19 -33.17 6.85
C ASN A 342 1.56 -31.77 6.37
N GLY A 343 0.86 -30.75 6.89
CA GLY A 343 1.15 -29.38 6.52
C GLY A 343 0.64 -28.96 5.15
N MET A 344 -0.19 -29.80 4.53
CA MET A 344 -0.73 -29.50 3.21
C MET A 344 -2.25 -29.51 3.24
N ILE A 345 -2.84 -28.53 2.56
CA ILE A 345 -4.29 -28.39 2.47
C ILE A 345 -4.71 -28.79 1.06
N TYR A 346 -5.49 -29.86 0.95
CA TYR A 346 -5.96 -30.36 -0.34
C TYR A 346 -7.06 -31.40 -0.13
N ALA A 347 -7.57 -31.99 -1.21
CA ALA A 347 -8.60 -33.03 -1.11
C ALA A 347 -7.81 -34.27 -0.66
N THR A 348 -7.76 -34.46 0.65
CA THR A 348 -6.97 -35.55 1.22
C THR A 348 -7.47 -36.98 1.03
N ASP A 349 -8.78 -37.19 1.06
CA ASP A 349 -9.31 -38.54 0.95
C ASP A 349 -9.99 -38.94 -0.34
N THR A 350 -10.47 -37.97 -1.10
CA THR A 350 -11.15 -38.27 -2.35
C THR A 350 -10.78 -37.27 -3.43
N LEU A 351 -11.15 -37.58 -4.66
CA LEU A 351 -10.93 -36.67 -5.77
C LEU A 351 -12.16 -35.77 -5.70
N ASN A 352 -12.22 -34.71 -6.52
CA ASN A 352 -13.39 -33.84 -6.51
C ASN A 352 -13.74 -33.36 -7.92
N PHE A 353 -13.28 -34.11 -8.91
CA PHE A 353 -13.49 -33.78 -10.32
C PHE A 353 -14.85 -34.19 -10.89
N LYS A 354 -15.17 -35.48 -10.81
CA LYS A 354 -16.43 -35.97 -11.35
C LYS A 354 -17.14 -36.86 -10.34
N GLN A 355 -18.42 -36.61 -10.15
CA GLN A 355 -19.24 -37.37 -9.20
C GLN A 355 -19.09 -38.88 -9.42
N GLY A 356 -18.85 -39.62 -8.35
CA GLY A 356 -18.72 -41.06 -8.46
C GLY A 356 -17.33 -41.55 -8.85
N GLU A 357 -16.44 -40.63 -9.19
CA GLU A 357 -15.08 -41.00 -9.55
C GLU A 357 -14.14 -40.68 -8.39
N GLY A 358 -13.52 -41.72 -7.84
CA GLY A 358 -12.61 -41.53 -6.72
C GLY A 358 -13.26 -40.91 -5.49
N GLY A 359 -14.54 -41.20 -5.29
CA GLY A 359 -15.24 -40.68 -4.12
C GLY A 359 -15.80 -39.27 -4.19
N SER A 360 -15.64 -38.59 -5.32
CA SER A 360 -16.15 -37.22 -5.43
C SER A 360 -17.68 -37.20 -5.31
N ARG A 361 -18.18 -36.27 -4.52
CA ARG A 361 -19.62 -36.15 -4.30
C ARG A 361 -20.33 -35.39 -5.43
N TRP A 362 -19.62 -34.46 -6.06
CA TRP A 362 -20.17 -33.67 -7.16
C TRP A 362 -19.17 -33.47 -8.28
N THR A 363 -19.67 -33.08 -9.45
CA THR A 363 -18.83 -32.85 -10.61
C THR A 363 -18.43 -31.38 -10.64
N MET A 364 -17.14 -31.11 -10.86
CA MET A 364 -16.64 -29.74 -10.85
C MET A 364 -17.16 -28.82 -11.93
N TYR A 365 -17.59 -29.40 -13.05
CA TYR A 365 -18.13 -28.61 -14.15
C TYR A 365 -19.63 -28.89 -14.26
N LYS A 366 -20.36 -27.95 -14.83
CA LYS A 366 -21.80 -28.12 -14.96
C LYS A 366 -22.20 -29.21 -15.96
N ASN A 367 -23.12 -30.07 -15.52
CA ASN A 367 -23.66 -31.13 -16.37
C ASN A 367 -25.08 -31.47 -15.92
N SER A 368 -25.57 -32.65 -16.28
CA SER A 368 -26.94 -33.01 -15.95
C SER A 368 -27.22 -33.33 -14.49
N GLN A 369 -26.16 -33.45 -13.69
CA GLN A 369 -26.29 -33.77 -12.27
C GLN A 369 -26.60 -32.61 -11.35
N ALA A 370 -27.34 -32.88 -10.29
CA ALA A 370 -27.64 -31.86 -9.30
C ALA A 370 -26.30 -31.57 -8.62
N GLY A 371 -26.06 -30.31 -8.28
CA GLY A 371 -24.82 -29.94 -7.63
C GLY A 371 -23.59 -29.85 -8.51
N SER A 372 -23.73 -30.16 -9.80
CA SER A 372 -22.58 -30.10 -10.70
C SER A 372 -22.14 -28.65 -10.88
N GLY A 373 -20.89 -28.46 -11.28
CA GLY A 373 -20.35 -27.12 -11.47
C GLY A 373 -19.99 -26.42 -10.17
N TRP A 374 -19.55 -27.17 -9.18
CA TRP A 374 -19.21 -26.56 -7.89
C TRP A 374 -18.02 -25.61 -8.00
N ASP A 375 -17.15 -25.82 -8.97
CA ASP A 375 -15.96 -24.99 -9.12
C ASP A 375 -16.21 -23.71 -9.90
N SER A 376 -17.00 -22.81 -9.31
CA SER A 376 -17.31 -21.54 -9.94
C SER A 376 -17.47 -20.52 -8.83
N SER A 377 -17.25 -19.25 -9.16
CA SER A 377 -17.34 -18.18 -8.17
C SER A 377 -18.72 -18.10 -7.49
N ASP A 378 -19.78 -18.34 -8.24
CA ASP A 378 -21.13 -18.26 -7.69
C ASP A 378 -21.83 -19.59 -7.43
N ALA A 379 -21.10 -20.69 -7.45
CA ALA A 379 -21.70 -21.99 -7.20
C ALA A 379 -22.07 -22.11 -5.72
N PRO A 380 -23.32 -22.48 -5.42
CA PRO A 380 -23.83 -22.63 -4.06
C PRO A 380 -22.96 -23.56 -3.23
N ASN A 381 -22.43 -24.59 -3.88
CA ASN A 381 -21.61 -25.56 -3.18
C ASN A 381 -20.14 -25.47 -3.55
N SER A 382 -19.63 -24.27 -3.80
CA SER A 382 -18.21 -24.13 -4.14
C SER A 382 -17.37 -24.50 -2.92
N TRP A 383 -18.00 -24.52 -1.74
CA TRP A 383 -17.29 -24.88 -0.51
C TRP A 383 -16.78 -26.31 -0.58
N TYR A 384 -17.28 -27.08 -1.55
CA TYR A 384 -16.87 -28.49 -1.67
C TYR A 384 -15.39 -28.61 -2.02
N GLY A 385 -14.83 -27.57 -2.61
CA GLY A 385 -13.42 -27.60 -2.96
C GLY A 385 -12.64 -26.52 -2.23
N ALA A 386 -13.17 -26.08 -1.09
CA ALA A 386 -12.53 -25.01 -0.34
C ALA A 386 -12.41 -25.22 1.17
N GLY A 387 -11.64 -24.32 1.77
CA GLY A 387 -11.44 -24.33 3.21
C GLY A 387 -11.04 -22.91 3.57
N ALA A 388 -10.50 -22.73 4.77
CA ALA A 388 -10.08 -21.39 5.18
C ALA A 388 -8.84 -21.46 6.05
N ILE A 389 -8.15 -20.35 6.15
CA ILE A 389 -6.96 -20.24 6.98
C ILE A 389 -7.10 -19.00 7.86
N LYS A 390 -7.10 -19.19 9.18
CA LYS A 390 -7.20 -18.07 10.10
C LYS A 390 -5.80 -17.49 10.24
N MET A 391 -5.65 -16.22 9.92
CA MET A 391 -4.33 -15.61 9.99
C MET A 391 -4.28 -14.44 10.95
N SER A 392 -3.10 -14.24 11.54
CA SER A 392 -2.86 -13.15 12.47
C SER A 392 -1.50 -12.57 12.13
N GLY A 393 -1.28 -11.31 12.49
CA GLY A 393 -0.02 -10.68 12.17
C GLY A 393 -0.11 -9.88 10.88
N PRO A 394 0.82 -8.96 10.63
CA PRO A 394 0.82 -8.14 9.41
C PRO A 394 1.44 -8.79 8.18
N ASN A 395 2.29 -9.79 8.38
CA ASN A 395 2.95 -10.45 7.26
C ASN A 395 2.57 -11.93 7.20
N ASN A 396 1.83 -12.30 6.16
CA ASN A 396 1.40 -13.67 6.04
C ASN A 396 1.87 -14.32 4.75
N TYR A 397 1.78 -15.64 4.69
CA TYR A 397 2.27 -16.37 3.53
C TYR A 397 1.68 -17.76 3.39
N VAL A 398 1.75 -18.27 2.17
CA VAL A 398 1.27 -19.60 1.84
C VAL A 398 1.78 -19.92 0.45
N THR A 399 2.05 -21.19 0.20
CA THR A 399 2.53 -21.63 -1.11
C THR A 399 1.38 -22.41 -1.73
N VAL A 400 1.05 -22.08 -2.97
CA VAL A 400 -0.04 -22.74 -3.68
C VAL A 400 0.49 -23.29 -4.99
N GLY A 401 0.04 -24.48 -5.37
CA GLY A 401 0.51 -25.06 -6.61
C GLY A 401 -0.23 -26.32 -7.00
N ALA A 402 0.22 -26.92 -8.10
CA ALA A 402 -0.36 -28.14 -8.63
C ALA A 402 0.76 -29.16 -8.78
N THR A 403 0.48 -30.41 -8.43
CA THR A 403 1.52 -31.43 -8.50
C THR A 403 0.94 -32.77 -8.93
N SER A 404 1.75 -33.58 -9.62
CA SER A 404 1.31 -34.91 -10.04
C SER A 404 0.97 -35.70 -8.77
N ALA A 405 -0.10 -36.49 -8.83
CA ALA A 405 -0.50 -37.27 -7.67
C ALA A 405 0.63 -38.15 -7.16
N THR A 406 1.44 -38.65 -8.09
CA THR A 406 2.56 -39.51 -7.74
C THR A 406 3.62 -38.82 -6.86
N ASN A 407 3.61 -37.49 -6.82
CA ASN A 407 4.59 -36.77 -5.99
C ASN A 407 4.12 -36.69 -4.54
N VAL A 408 2.83 -36.92 -4.33
CA VAL A 408 2.23 -36.82 -2.99
C VAL A 408 2.06 -38.13 -2.25
N MET A 409 1.79 -39.21 -2.98
CA MET A 409 1.57 -40.49 -2.32
C MET A 409 1.86 -41.66 -3.25
N PRO A 410 2.03 -42.87 -2.68
CA PRO A 410 2.31 -44.04 -3.51
C PRO A 410 1.06 -44.37 -4.32
N VAL A 411 1.24 -44.98 -5.48
CA VAL A 411 0.13 -45.36 -6.34
C VAL A 411 -0.89 -46.26 -5.63
N SER A 412 -0.39 -47.15 -4.76
CA SER A 412 -1.24 -48.08 -4.02
C SER A 412 -2.24 -47.40 -3.08
N ASP A 413 -2.00 -46.15 -2.73
CA ASP A 413 -2.89 -45.45 -1.81
C ASP A 413 -3.88 -44.50 -2.48
N MET A 414 -3.83 -44.44 -3.81
CA MET A 414 -4.72 -43.56 -4.57
C MET A 414 -6.06 -44.14 -4.96
N PRO A 415 -7.08 -43.28 -5.10
CA PRO A 415 -8.40 -43.77 -5.48
C PRO A 415 -8.30 -44.37 -6.89
N VAL A 416 -9.13 -45.36 -7.19
CA VAL A 416 -9.12 -45.97 -8.52
C VAL A 416 -10.32 -45.52 -9.32
N VAL A 417 -10.05 -44.98 -10.50
CA VAL A 417 -11.13 -44.57 -11.38
C VAL A 417 -10.98 -45.46 -12.61
N PRO A 418 -11.90 -46.43 -12.78
CA PRO A 418 -11.83 -47.34 -13.92
C PRO A 418 -11.63 -46.64 -15.26
N GLY A 419 -10.60 -47.05 -15.97
CA GLY A 419 -10.31 -46.47 -17.27
C GLY A 419 -9.33 -45.31 -17.26
N LYS A 420 -8.97 -44.81 -16.09
CA LYS A 420 -8.03 -43.69 -15.99
C LYS A 420 -6.74 -44.08 -15.30
N ASP A 421 -5.62 -43.63 -15.85
CA ASP A 421 -4.30 -43.94 -15.32
C ASP A 421 -3.86 -42.83 -14.35
N ASN A 422 -3.68 -43.16 -13.08
CA ASN A 422 -3.28 -42.14 -12.10
C ASN A 422 -1.87 -41.59 -12.33
N THR A 423 -1.08 -42.23 -13.17
CA THR A 423 0.27 -41.76 -13.45
C THR A 423 0.33 -40.84 -14.67
N ASP A 424 -0.81 -40.61 -15.32
CA ASP A 424 -0.87 -39.73 -16.48
C ASP A 424 -0.16 -38.41 -16.22
N GLY A 425 0.59 -37.93 -17.22
CA GLY A 425 1.28 -36.66 -17.06
C GLY A 425 0.26 -35.52 -17.02
N LYS A 426 0.68 -34.36 -16.55
CA LYS A 426 -0.22 -33.21 -16.49
C LYS A 426 0.52 -31.97 -16.95
N LYS A 427 -0.22 -30.88 -17.16
CA LYS A 427 0.41 -29.63 -17.57
C LYS A 427 0.89 -28.96 -16.30
N PRO A 428 2.12 -28.41 -16.33
CA PRO A 428 2.66 -27.74 -15.15
C PRO A 428 2.19 -26.29 -15.08
N ASN A 429 0.88 -26.09 -14.90
CA ASN A 429 0.34 -24.74 -14.77
C ASN A 429 -0.79 -24.74 -13.76
N ILE A 430 -1.18 -23.55 -13.32
CA ILE A 430 -2.24 -23.41 -12.34
C ILE A 430 -2.76 -21.99 -12.21
N TRP A 431 -4.05 -21.85 -11.94
CA TRP A 431 -4.65 -20.56 -11.68
C TRP A 431 -5.15 -20.66 -10.24
N TYR A 432 -4.90 -19.64 -9.43
CA TYR A 432 -5.40 -19.66 -8.06
C TYR A 432 -5.47 -18.25 -7.55
N SER A 433 -6.25 -18.05 -6.49
CA SER A 433 -6.35 -16.74 -5.88
C SER A 433 -6.53 -16.93 -4.38
N LEU A 434 -6.10 -15.93 -3.63
CA LEU A 434 -6.21 -15.95 -2.19
C LEU A 434 -6.91 -14.65 -1.82
N ASN A 435 -8.16 -14.75 -1.35
CA ASN A 435 -8.92 -13.58 -0.97
C ASN A 435 -9.78 -13.86 0.25
N GLY A 436 -10.71 -12.97 0.56
CA GLY A 436 -11.55 -13.15 1.72
C GLY A 436 -12.94 -13.71 1.44
N LYS A 437 -13.16 -14.20 0.22
CA LYS A 437 -14.46 -14.75 -0.14
C LYS A 437 -14.65 -16.14 0.43
N ILE A 438 -14.91 -16.22 1.72
CA ILE A 438 -15.12 -17.49 2.39
C ILE A 438 -16.30 -18.20 1.71
N ARG A 439 -16.12 -19.47 1.36
CA ARG A 439 -17.17 -20.21 0.65
C ARG A 439 -18.17 -20.93 1.56
N ALA A 440 -17.94 -20.89 2.87
CA ALA A 440 -18.84 -21.52 3.82
C ALA A 440 -20.16 -20.74 3.77
N VAL A 441 -21.24 -21.33 4.26
CA VAL A 441 -22.54 -20.67 4.22
C VAL A 441 -22.86 -19.85 5.47
N ASN A 442 -23.71 -18.85 5.28
CA ASN A 442 -24.18 -17.98 6.34
C ASN A 442 -23.10 -17.39 7.26
N VAL A 443 -21.97 -17.00 6.69
CA VAL A 443 -20.91 -16.42 7.51
C VAL A 443 -21.14 -14.92 7.69
N PRO A 444 -21.29 -14.46 8.95
CA PRO A 444 -21.52 -13.04 9.22
C PRO A 444 -20.28 -12.20 8.91
N LYS A 445 -20.50 -11.05 8.28
CA LYS A 445 -19.39 -10.17 7.93
C LYS A 445 -19.35 -8.89 8.75
N VAL A 446 -18.14 -8.45 9.09
CA VAL A 446 -17.95 -7.23 9.85
C VAL A 446 -17.90 -6.07 8.86
N THR A 447 -18.75 -5.06 9.05
CA THR A 447 -18.76 -3.93 8.14
C THR A 447 -18.66 -2.61 8.90
N LYS A 448 -18.85 -2.66 10.22
CA LYS A 448 -18.77 -1.45 11.04
C LYS A 448 -17.51 -1.46 11.90
N GLU A 449 -16.69 -0.43 11.74
CA GLU A 449 -15.46 -0.31 12.51
C GLU A 449 -15.73 0.36 13.85
N LYS A 450 -15.02 -0.07 14.88
CA LYS A 450 -15.21 0.54 16.19
C LYS A 450 -14.53 1.91 16.14
N PRO A 451 -15.29 2.98 16.40
CA PRO A 451 -14.78 4.35 16.39
C PRO A 451 -13.85 4.68 17.56
N THR A 452 -12.97 5.65 17.33
CA THR A 452 -12.02 6.10 18.35
C THR A 452 -12.17 7.60 18.52
N PRO A 453 -12.22 8.08 19.77
CA PRO A 453 -12.36 9.52 20.02
C PRO A 453 -11.35 10.32 19.20
N PRO A 454 -11.82 11.35 18.48
CA PRO A 454 -10.93 12.18 17.66
C PRO A 454 -9.87 12.91 18.49
N VAL A 455 -8.74 13.21 17.85
CA VAL A 455 -7.66 13.93 18.52
C VAL A 455 -7.85 15.42 18.29
N LYS A 456 -7.97 16.17 19.36
CA LYS A 456 -8.17 17.62 19.27
C LYS A 456 -6.87 18.29 18.85
N PRO A 457 -6.94 19.13 17.79
CA PRO A 457 -5.74 19.83 17.30
C PRO A 457 -5.31 20.91 18.27
N THR A 458 -4.09 21.40 18.11
CA THR A 458 -3.55 22.44 18.97
C THR A 458 -3.51 23.79 18.25
N ALA A 459 -4.10 24.81 18.87
CA ALA A 459 -4.11 26.14 18.27
C ALA A 459 -2.67 26.66 18.17
N PRO A 460 -2.34 27.31 17.05
CA PRO A 460 -0.99 27.86 16.85
C PRO A 460 -0.63 28.88 17.93
N THR A 461 0.67 28.95 18.23
CA THR A 461 1.17 29.89 19.24
C THR A 461 1.05 31.32 18.73
N LYS A 462 0.54 32.21 19.56
CA LYS A 462 0.38 33.61 19.19
C LYS A 462 1.70 34.21 18.71
N PRO A 463 1.66 35.03 17.66
CA PRO A 463 2.88 35.63 17.13
C PRO A 463 3.55 36.58 18.13
N THR A 464 4.88 36.56 18.15
CA THR A 464 5.64 37.42 19.04
C THR A 464 6.09 38.63 18.23
N TYR A 465 5.48 39.79 18.52
CA TYR A 465 5.81 41.02 17.81
C TYR A 465 6.75 41.88 18.64
N GLU A 466 7.56 42.66 17.96
CA GLU A 466 8.52 43.55 18.61
C GLU A 466 8.13 44.98 18.33
N THR A 467 8.47 45.89 19.23
CA THR A 467 8.16 47.29 19.04
C THR A 467 9.36 47.96 18.39
N GLU A 468 9.11 48.92 17.51
CA GLU A 468 10.19 49.64 16.87
C GLU A 468 10.65 50.68 17.89
N LYS A 469 11.89 51.11 17.80
CA LYS A 469 12.41 52.09 18.74
C LYS A 469 12.56 53.47 18.11
N PRO A 470 12.35 54.53 18.90
CA PRO A 470 12.48 55.89 18.37
C PRO A 470 13.96 56.26 18.25
N LEU A 471 14.27 57.14 17.32
CA LEU A 471 15.65 57.57 17.13
C LEU A 471 16.02 58.51 18.27
N LYS A 472 17.31 58.67 18.52
CA LYS A 472 17.76 59.57 19.57
C LYS A 472 17.94 60.96 18.99
N PRO A 473 17.59 62.00 19.76
CA PRO A 473 17.72 63.37 19.28
C PRO A 473 19.19 63.79 19.16
N ALA A 474 19.51 64.54 18.11
CA ALA A 474 20.87 65.00 17.87
C ALA A 474 21.42 65.75 19.09
N PRO A 475 22.72 65.58 19.39
CA PRO A 475 23.31 66.27 20.53
C PRO A 475 23.29 67.78 20.31
N VAL A 476 23.14 68.53 21.39
CA VAL A 476 23.11 69.99 21.29
C VAL A 476 24.50 70.54 21.07
N ALA A 477 24.64 71.47 20.13
CA ALA A 477 25.92 72.08 19.83
C ALA A 477 26.40 72.87 21.05
N PRO A 478 27.70 72.77 21.36
CA PRO A 478 28.26 73.50 22.51
C PRO A 478 28.32 75.00 22.29
N ASN A 479 28.33 75.75 23.39
CA ASN A 479 28.40 77.20 23.31
C ASN A 479 29.88 77.56 23.41
N TYR A 480 30.48 77.91 22.28
CA TYR A 480 31.90 78.27 22.28
C TYR A 480 32.15 79.61 22.96
N GLU A 481 33.36 79.78 23.47
CA GLU A 481 33.75 81.01 24.14
C GLU A 481 33.97 82.11 23.11
N LYS A 482 33.64 83.35 23.48
CA LYS A 482 33.83 84.48 22.58
C LYS A 482 35.27 84.96 22.72
N GLU A 483 35.81 85.50 21.63
CA GLU A 483 37.19 85.99 21.63
C GLU A 483 37.31 87.26 22.45
N PRO A 484 38.48 87.46 23.08
CA PRO A 484 38.68 88.67 23.90
C PRO A 484 38.90 89.85 22.96
N THR A 485 38.70 91.07 23.46
CA THR A 485 38.85 92.26 22.65
C THR A 485 40.27 92.85 22.70
N PRO A 486 40.84 93.17 21.54
CA PRO A 486 42.19 93.73 21.43
C PRO A 486 42.37 95.03 22.23
N PRO A 487 43.50 95.16 22.94
CA PRO A 487 43.75 96.37 23.74
C PRO A 487 44.09 97.57 22.86
N THR A 488 43.99 98.77 23.45
CA THR A 488 44.30 100.00 22.72
C THR A 488 45.46 100.75 23.36
N ARG A 489 46.25 101.41 22.53
CA ARG A 489 47.40 102.17 23.01
C ARG A 489 46.98 103.62 23.26
C PMS B . -13.48 -20.59 -9.69
S PMS B . -13.53 -19.58 -8.19
C1 PMS B . -12.96 -21.08 -11.04
C2 PMS B . -11.68 -21.76 -11.13
C3 PMS B . -11.17 -22.22 -12.43
C4 PMS B . -11.95 -21.99 -13.65
C5 PMS B . -13.24 -21.30 -13.56
C6 PMS B . -13.74 -20.85 -12.26
O3S PMS B . -13.96 -18.20 -8.53
O2S PMS B . -14.68 -20.12 -7.44
O1S PMS B . -12.38 -19.55 -7.33
S SO3 C . -20.55 -35.84 -18.34
O1 SO3 C . -21.74 -34.97 -18.59
O2 SO3 C . -20.11 -35.29 -17.02
O3 SO3 C . -21.10 -37.17 -18.04
S SO3 D . -10.55 0.24 -19.96
O1 SO3 D . -10.75 -0.83 -18.93
O2 SO3 D . -9.05 0.29 -20.00
O3 SO3 D . -10.93 -0.38 -21.24
CA CA E . -8.59 -24.46 -8.92
#